data_5D1S
#
_entry.id   5D1S
#
_cell.length_a   57.780
_cell.length_b   78.277
_cell.length_c   138.209
_cell.angle_alpha   90.000
_cell.angle_beta   90.000
_cell.angle_gamma   90.000
#
_symmetry.space_group_name_H-M   'P 21 21 21'
#
loop_
_entity.id
_entity.type
_entity.pdbx_description
1 polymer 'Lethal factor'
2 non-polymer N~2~-[(4-fluoro-3-methylphenyl)sulfonyl]-N-hydroxy-N~2~-methyl-D-alaninamide
3 non-polymer 'ZINC ION'
4 water water
#
_entity_poly.entity_id   1
_entity_poly.type   'polypeptide(L)'
_entity_poly.pdbx_seq_one_letter_code
;SNALSRYEKWEKIKQHYQHWSDSLSEEGRGLLKKLQIPIEPKKDDIIHSLSQEEKELLKRIQIDSSDFLSTEEKEFLKKL
QIDIRDSLSEEEKELLNRIQVDSSNPLSEKEKEFLKKLKLDIQPYDINQRLQDTGGLIDSPSINLDVRKQYKRDIQNIDA
LLHQSIGSTLYNKIYLYENMNINNLTATLGADLVDSTDNTKINRGIFNEFKKNFKYSISSNYMIVDINERPALDNERLKW
RIQLSPDTRAGYLENGKLILQRNIGLEIKDVQIIKQSEKEYIRIDAKVVPKSKIDTKIQEAQLNINQEWNKALGLPKYTK
LITFNVHNRYASNIVESAYLILNEWKNNIQSDLIKKVTNYLVDGNGRFVFTDITLPNIAEQYTHQDEIYEQVHSKGLYVP
ESRSILLHGPSKGVELRNDSEGFIHEFGHAVDDYAGYLLDKNQSDLVTNSKKFIDIFKEEGSNLTSYGRTNEAEFFAEAF
RLMHSTDHAERLKVQKNAPKTFQFINDQIKFIINSLVPR
;
_entity_poly.pdbx_strand_id   A
#
loop_
_chem_comp.id
_chem_comp.type
_chem_comp.name
_chem_comp.formula
56Q non-polymer N~2~-[(4-fluoro-3-methylphenyl)sulfonyl]-N-hydroxy-N~2~-methyl-D-alaninamide 'C11 H15 F N2 O4 S'
ZN non-polymer 'ZINC ION' 'Zn 2'
#
# COMPACT_ATOMS: atom_id res chain seq x y z
N LEU A 4 -0.90 16.62 34.53
CA LEU A 4 -1.79 16.77 35.69
C LEU A 4 -2.51 15.47 36.05
N SER A 5 -3.83 15.56 36.02
CA SER A 5 -4.76 14.45 36.23
C SER A 5 -5.38 14.07 34.88
N ARG A 6 -5.62 12.78 34.66
CA ARG A 6 -6.20 12.35 33.39
C ARG A 6 -7.59 12.93 33.23
N TYR A 7 -8.34 12.96 34.32
CA TYR A 7 -9.75 13.37 34.31
C TYR A 7 -9.88 14.88 34.22
N GLU A 8 -8.94 15.58 34.85
CA GLU A 8 -8.92 17.04 34.77
C GLU A 8 -8.55 17.48 33.35
N LYS A 9 -7.54 16.83 32.78
CA LYS A 9 -7.11 17.12 31.42
C LYS A 9 -8.29 17.00 30.46
N TRP A 10 -8.99 15.88 30.58
CA TRP A 10 -10.15 15.56 29.76
C TRP A 10 -11.19 16.68 29.85
N GLU A 11 -11.54 17.04 31.07
CA GLU A 11 -12.56 18.06 31.28
C GLU A 11 -12.10 19.43 30.77
N LYS A 12 -10.82 19.74 30.90
CA LYS A 12 -10.28 21.01 30.41
C LYS A 12 -10.40 21.13 28.88
N ILE A 13 -10.13 20.03 28.19
CA ILE A 13 -10.17 20.06 26.71
C ILE A 13 -11.61 20.08 26.23
N LYS A 14 -12.45 19.27 26.87
CA LYS A 14 -13.88 19.25 26.59
C LYS A 14 -14.46 20.65 26.73
N GLN A 15 -14.14 21.32 27.85
CA GLN A 15 -14.63 22.69 28.05
C GLN A 15 -14.11 23.64 26.96
N HIS A 16 -12.88 23.42 26.48
CA HIS A 16 -12.34 24.28 25.44
C HIS A 16 -13.21 24.20 24.18
N TYR A 17 -13.75 23.02 23.91
CA TYR A 17 -14.59 22.76 22.73
C TYR A 17 -16.09 22.73 23.02
N GLN A 18 -16.50 23.09 24.24
CA GLN A 18 -17.92 22.96 24.64
C GLN A 18 -18.90 23.77 23.77
N HIS A 19 -18.60 25.04 23.54
CA HIS A 19 -19.41 25.87 22.63
C HIS A 19 -19.47 25.23 21.23
N TRP A 20 -18.32 24.86 20.73
CA TRP A 20 -18.25 24.12 19.47
C TRP A 20 -19.18 22.90 19.48
N SER A 21 -19.06 22.04 20.49
CA SER A 21 -19.93 20.86 20.60
C SER A 21 -21.41 21.21 20.59
N ASP A 22 -21.79 22.15 21.45
CA ASP A 22 -23.18 22.53 21.61
C ASP A 22 -23.73 23.14 20.33
N SER A 23 -22.85 23.71 19.51
CA SER A 23 -23.29 24.38 18.28
C SER A 23 -23.44 23.44 17.08
N LEU A 24 -23.07 22.18 17.27
CA LEU A 24 -23.17 21.19 16.20
C LEU A 24 -24.61 20.89 15.84
N SER A 25 -24.90 20.79 14.54
CA SER A 25 -26.25 20.42 14.11
C SER A 25 -26.37 18.92 14.17
N GLU A 26 -27.59 18.41 14.05
CA GLU A 26 -27.80 16.96 13.97
C GLU A 26 -27.03 16.38 12.78
N GLU A 27 -27.01 17.13 11.70
CA GLU A 27 -26.35 16.72 10.47
C GLU A 27 -24.83 16.64 10.69
N GLY A 28 -24.27 17.66 11.34
CA GLY A 28 -22.87 17.66 11.73
C GLY A 28 -22.48 16.50 12.64
N ARG A 29 -23.30 16.20 13.64
CA ARG A 29 -23.02 15.06 14.52
C ARG A 29 -23.07 13.75 13.75
N GLY A 30 -24.05 13.64 12.85
CA GLY A 30 -24.22 12.43 12.06
C GLY A 30 -23.02 12.14 11.19
N LEU A 31 -22.44 13.21 10.67
CA LEU A 31 -21.24 13.14 9.86
C LEU A 31 -20.03 12.68 10.66
N LEU A 32 -19.82 13.24 11.84
CA LEU A 32 -18.70 12.84 12.68
C LEU A 32 -18.87 11.38 13.10
N LYS A 33 -20.10 10.93 13.36
CA LYS A 33 -20.32 9.52 13.70
C LYS A 33 -20.05 8.62 12.50
N LYS A 34 -20.50 9.03 11.32
CA LYS A 34 -20.23 8.24 10.12
C LYS A 34 -18.72 8.17 9.85
N LEU A 35 -18.00 9.25 10.12
CA LEU A 35 -16.53 9.27 10.01
C LEU A 35 -15.89 8.23 10.95
N GLN A 36 -16.32 8.21 12.21
CA GLN A 36 -15.74 7.29 13.19
C GLN A 36 -16.16 5.84 12.94
N ILE A 37 -17.39 5.65 12.46
CA ILE A 37 -17.93 4.31 12.25
C ILE A 37 -18.40 4.13 10.80
N PRO A 38 -17.49 3.66 9.93
CA PRO A 38 -17.83 3.50 8.50
C PRO A 38 -19.08 2.65 8.31
N ILE A 39 -19.78 2.88 7.20
CA ILE A 39 -20.97 2.11 6.87
C ILE A 39 -20.56 0.87 6.07
N GLU A 40 -20.79 -0.30 6.66
CA GLU A 40 -20.38 -1.56 6.08
C GLU A 40 -21.40 -2.03 5.05
N PRO A 41 -20.96 -2.84 4.07
CA PRO A 41 -21.92 -3.42 3.13
C PRO A 41 -22.77 -4.44 3.86
N LYS A 42 -24.07 -4.52 3.55
CA LYS A 42 -24.87 -5.55 4.22
C LYS A 42 -24.85 -6.81 3.36
N LYS A 43 -24.30 -7.88 3.92
CA LYS A 43 -23.97 -9.06 3.12
C LYS A 43 -25.22 -9.74 2.57
N ASP A 44 -26.35 -9.54 3.23
CA ASP A 44 -27.61 -10.09 2.76
C ASP A 44 -28.00 -9.51 1.40
N ASP A 45 -27.87 -8.20 1.25
CA ASP A 45 -28.17 -7.54 -0.01
C ASP A 45 -27.22 -8.01 -1.11
N ILE A 46 -25.93 -8.12 -0.78
CA ILE A 46 -24.95 -8.59 -1.75
C ILE A 46 -25.39 -9.94 -2.29
N ILE A 47 -25.57 -10.90 -1.39
CA ILE A 47 -25.87 -12.28 -1.78
C ILE A 47 -27.19 -12.36 -2.53
N HIS A 48 -28.17 -11.57 -2.12
CA HIS A 48 -29.43 -11.50 -2.84
C HIS A 48 -29.26 -10.99 -4.28
N SER A 49 -28.17 -10.27 -4.55
CA SER A 49 -27.97 -9.71 -5.90
C SER A 49 -27.24 -10.68 -6.85
N LEU A 50 -26.79 -11.80 -6.31
CA LEU A 50 -26.09 -12.78 -7.13
C LEU A 50 -27.05 -13.72 -7.81
N SER A 51 -26.64 -14.23 -8.97
CA SER A 51 -27.37 -15.29 -9.65
C SER A 51 -27.06 -16.61 -8.97
N GLN A 52 -27.87 -17.63 -9.27
CA GLN A 52 -27.63 -18.97 -8.76
C GLN A 52 -26.23 -19.44 -9.08
N GLU A 53 -25.81 -19.32 -10.34
CA GLU A 53 -24.49 -19.81 -10.73
C GLU A 53 -23.40 -19.05 -9.98
N GLU A 54 -23.67 -17.78 -9.67
CA GLU A 54 -22.73 -16.94 -8.95
C GLU A 54 -22.63 -17.33 -7.47
N LYS A 55 -23.77 -17.64 -6.84
CA LYS A 55 -23.75 -18.13 -5.47
C LYS A 55 -22.92 -19.42 -5.41
N GLU A 56 -23.17 -20.34 -6.33
CA GLU A 56 -22.44 -21.60 -6.39
C GLU A 56 -20.96 -21.36 -6.58
N LEU A 57 -20.63 -20.47 -7.52
CA LEU A 57 -19.25 -20.11 -7.82
C LEU A 57 -18.56 -19.54 -6.58
N LEU A 58 -19.25 -18.63 -5.91
CA LEU A 58 -18.74 -18.00 -4.71
C LEU A 58 -18.64 -19.04 -3.58
N LYS A 59 -19.61 -19.95 -3.55
CA LYS A 59 -19.66 -20.99 -2.52
C LYS A 59 -18.37 -21.81 -2.45
N ARG A 60 -17.96 -22.33 -3.59
CA ARG A 60 -16.83 -23.24 -3.63
C ARG A 60 -15.59 -22.60 -4.22
N ILE A 61 -15.31 -21.35 -3.88
CA ILE A 61 -14.19 -20.66 -4.53
C ILE A 61 -12.96 -20.54 -3.62
N GLN A 62 -11.78 -20.72 -4.23
CA GLN A 62 -10.50 -20.59 -3.53
C GLN A 62 -10.15 -19.12 -3.35
N ILE A 63 -10.58 -18.55 -2.22
CA ILE A 63 -10.59 -17.09 -2.03
C ILE A 63 -9.22 -16.42 -1.84
N ASP A 64 -8.34 -17.07 -1.08
CA ASP A 64 -7.05 -16.48 -0.71
C ASP A 64 -6.18 -16.09 -1.91
N SER A 65 -6.37 -16.79 -3.03
CA SER A 65 -5.45 -16.74 -4.17
C SER A 65 -5.58 -15.52 -5.10
N SER A 66 -5.70 -14.33 -4.53
CA SER A 66 -5.95 -13.15 -5.38
C SER A 66 -4.73 -12.26 -5.57
N ASP A 67 -4.71 -11.55 -6.70
CA ASP A 67 -3.67 -10.56 -7.01
C ASP A 67 -4.02 -9.21 -6.45
N PHE A 68 -5.29 -9.07 -6.06
CA PHE A 68 -5.93 -7.77 -6.01
C PHE A 68 -6.93 -7.57 -4.85
N LEU A 69 -7.08 -8.57 -3.99
CA LEU A 69 -8.01 -8.46 -2.85
C LEU A 69 -7.29 -8.36 -1.51
N SER A 70 -7.60 -7.32 -0.74
CA SER A 70 -6.96 -7.08 0.55
C SER A 70 -7.31 -8.18 1.56
N THR A 71 -6.61 -8.17 2.69
CA THR A 71 -6.91 -9.06 3.80
C THR A 71 -8.36 -8.89 4.23
N GLU A 72 -8.77 -7.63 4.42
CA GLU A 72 -10.13 -7.28 4.80
C GLU A 72 -11.15 -7.84 3.80
N GLU A 73 -10.94 -7.51 2.52
CA GLU A 73 -11.84 -7.96 1.46
C GLU A 73 -11.91 -9.46 1.39
N LYS A 74 -10.77 -10.13 1.59
CA LYS A 74 -10.75 -11.58 1.67
C LYS A 74 -11.58 -12.09 2.86
N GLU A 75 -11.49 -11.39 4.00
CA GLU A 75 -12.25 -11.73 5.20
C GLU A 75 -13.75 -11.54 5.01
N PHE A 76 -14.12 -10.44 4.35
CA PHE A 76 -15.53 -10.20 4.08
C PHE A 76 -16.12 -11.30 3.21
N LEU A 77 -15.43 -11.61 2.12
CA LEU A 77 -15.95 -12.57 1.15
C LEU A 77 -16.17 -13.95 1.78
N LYS A 78 -15.35 -14.32 2.76
CA LYS A 78 -15.56 -15.62 3.41
C LYS A 78 -16.68 -15.52 4.44
N LYS A 79 -16.91 -14.33 4.98
CA LYS A 79 -18.11 -14.09 5.77
C LYS A 79 -19.32 -14.33 4.88
N LEU A 80 -19.21 -13.93 3.61
CA LEU A 80 -20.25 -14.20 2.60
C LEU A 80 -20.37 -15.69 2.30
N GLN A 81 -19.21 -16.32 2.05
CA GLN A 81 -19.16 -17.73 1.66
C GLN A 81 -19.87 -18.63 2.69
N ILE A 82 -19.60 -18.37 3.98
CA ILE A 82 -20.21 -19.14 5.06
C ILE A 82 -21.72 -19.05 5.00
N ASP A 83 -22.22 -17.83 4.87
CA ASP A 83 -23.65 -17.58 4.80
C ASP A 83 -24.26 -18.35 3.64
N ILE A 84 -23.56 -18.38 2.52
CA ILE A 84 -24.01 -19.15 1.38
C ILE A 84 -24.05 -20.64 1.74
N ARG A 85 -23.02 -21.11 2.42
CA ARG A 85 -22.86 -22.54 2.75
C ARG A 85 -23.58 -22.96 4.04
N ASP A 86 -24.14 -21.98 4.77
CA ASP A 86 -24.89 -22.26 6.01
C ASP A 86 -26.28 -22.83 5.70
N SER A 87 -26.30 -23.87 4.86
CA SER A 87 -27.53 -24.55 4.47
C SER A 87 -27.20 -25.91 3.85
N LEU A 88 -25.96 -26.37 4.05
CA LEU A 88 -25.49 -27.64 3.51
C LEU A 88 -25.31 -28.67 4.63
N SER A 89 -24.74 -29.82 4.30
CA SER A 89 -24.45 -30.85 5.31
C SER A 89 -23.23 -30.43 6.13
N GLU A 90 -23.21 -30.81 7.40
CA GLU A 90 -22.06 -30.53 8.26
C GLU A 90 -20.85 -31.28 7.72
N GLU A 91 -21.10 -32.35 6.97
CA GLU A 91 -20.05 -33.07 6.28
C GLU A 91 -19.52 -32.27 5.10
N GLU A 92 -20.44 -31.64 4.37
CA GLU A 92 -20.10 -30.86 3.17
C GLU A 92 -19.11 -29.73 3.46
N LYS A 93 -19.45 -28.90 4.44
CA LYS A 93 -18.60 -27.76 4.81
C LYS A 93 -17.25 -28.21 5.37
N GLU A 94 -17.22 -29.39 5.98
CA GLU A 94 -15.97 -29.97 6.46
C GLU A 94 -15.09 -30.33 5.26
N LEU A 95 -15.69 -30.91 4.23
CA LEU A 95 -14.97 -31.24 3.00
C LEU A 95 -14.55 -29.97 2.27
N LEU A 96 -15.49 -29.04 2.13
CA LEU A 96 -15.33 -27.86 1.29
C LEU A 96 -14.26 -26.84 1.74
N ASN A 97 -13.38 -27.24 2.65
CA ASN A 97 -12.23 -26.41 3.00
C ASN A 97 -10.99 -27.24 3.40
N ARG A 98 -10.90 -28.45 2.86
CA ARG A 98 -9.65 -29.20 2.89
C ARG A 98 -8.95 -29.06 1.54
N ILE A 99 -9.67 -28.52 0.56
CA ILE A 99 -9.14 -28.27 -0.78
C ILE A 99 -8.56 -26.85 -0.87
N ASN A 105 -3.68 -24.70 -6.08
CA ASN A 105 -3.51 -24.10 -7.41
C ASN A 105 -3.69 -22.58 -7.38
N PRO A 106 -4.08 -21.99 -8.53
CA PRO A 106 -4.40 -20.59 -8.87
C PRO A 106 -5.82 -20.40 -9.42
N LEU A 107 -6.31 -19.15 -9.48
CA LEU A 107 -7.71 -18.87 -9.85
C LEU A 107 -8.01 -18.98 -11.36
N SER A 108 -9.16 -19.58 -11.68
CA SER A 108 -9.61 -19.65 -13.07
C SER A 108 -10.00 -18.28 -13.59
N GLU A 109 -10.09 -18.13 -14.91
CA GLU A 109 -10.52 -16.84 -15.44
C GLU A 109 -11.95 -16.52 -15.05
N LYS A 110 -12.83 -17.51 -15.09
CA LYS A 110 -14.23 -17.30 -14.74
C LYS A 110 -14.34 -16.82 -13.30
N GLU A 111 -13.46 -17.32 -12.45
CA GLU A 111 -13.42 -16.93 -11.05
C GLU A 111 -12.87 -15.51 -10.87
N LYS A 112 -11.72 -15.27 -11.50
CA LYS A 112 -11.04 -13.97 -11.41
C LYS A 112 -11.92 -12.82 -11.90
N GLU A 113 -12.57 -13.02 -13.05
CA GLU A 113 -13.39 -11.97 -13.66
C GLU A 113 -14.60 -11.68 -12.79
N PHE A 114 -15.14 -12.73 -12.18
CA PHE A 114 -16.20 -12.59 -11.22
C PHE A 114 -15.73 -11.71 -10.05
N LEU A 115 -14.68 -12.14 -9.38
CA LEU A 115 -14.15 -11.40 -8.23
C LEU A 115 -13.77 -9.96 -8.56
N LYS A 116 -13.26 -9.71 -9.77
CA LYS A 116 -12.89 -8.34 -10.14
C LYS A 116 -14.11 -7.40 -10.15
N LYS A 117 -15.29 -7.92 -10.48
CA LYS A 117 -16.51 -7.10 -10.44
C LYS A 117 -17.17 -7.11 -9.07
N LEU A 118 -17.06 -8.23 -8.35
CA LEU A 118 -17.66 -8.31 -7.02
C LEU A 118 -16.94 -7.39 -6.04
N LYS A 119 -15.65 -7.14 -6.31
CA LYS A 119 -14.85 -6.21 -5.53
C LYS A 119 -15.51 -4.84 -5.42
N LEU A 120 -16.14 -4.42 -6.51
CA LEU A 120 -16.71 -3.08 -6.59
C LEU A 120 -17.97 -2.92 -5.72
N ASP A 121 -18.48 -4.02 -5.19
CA ASP A 121 -19.78 -4.01 -4.51
C ASP A 121 -19.64 -4.29 -3.01
N ILE A 122 -18.42 -4.54 -2.54
CA ILE A 122 -18.22 -4.88 -1.15
C ILE A 122 -17.43 -3.81 -0.37
N GLN A 123 -17.34 -2.61 -0.93
CA GLN A 123 -16.58 -1.54 -0.30
C GLN A 123 -17.41 -0.81 0.74
N PRO A 124 -16.89 -0.69 1.97
CA PRO A 124 -17.58 0.14 2.96
C PRO A 124 -17.53 1.63 2.60
N TYR A 125 -18.50 2.39 3.08
CA TYR A 125 -18.40 3.84 2.93
C TYR A 125 -17.61 4.38 4.12
N ASP A 126 -16.34 4.69 3.85
CA ASP A 126 -15.31 4.91 4.86
C ASP A 126 -14.48 6.13 4.46
N ILE A 127 -14.87 7.27 5.00
CA ILE A 127 -14.27 8.55 4.65
C ILE A 127 -12.77 8.57 4.94
N ASN A 128 -12.38 8.14 6.12
CA ASN A 128 -10.96 8.18 6.44
C ASN A 128 -10.14 7.24 5.55
N GLN A 129 -10.74 6.14 5.10
CA GLN A 129 -10.02 5.17 4.25
C GLN A 129 -9.88 5.72 2.82
N ARG A 130 -10.92 6.38 2.35
CA ARG A 130 -10.85 7.03 1.05
C ARG A 130 -9.72 8.05 1.07
N LEU A 131 -9.65 8.87 2.12
CA LEU A 131 -8.60 9.87 2.26
C LEU A 131 -7.20 9.25 2.33
N GLN A 132 -7.06 8.17 3.09
CA GLN A 132 -5.74 7.50 3.17
C GLN A 132 -5.39 6.87 1.83
N ASP A 133 -6.30 6.11 1.24
CA ASP A 133 -6.01 5.41 -0.02
C ASP A 133 -5.65 6.38 -1.15
N THR A 134 -6.26 7.57 -1.18
CA THR A 134 -5.97 8.52 -2.23
C THR A 134 -4.92 9.54 -1.83
N GLY A 135 -4.43 9.47 -0.60
CA GLY A 135 -3.55 10.51 -0.09
C GLY A 135 -4.18 11.89 -0.17
N GLY A 136 -5.51 11.96 -0.09
CA GLY A 136 -6.19 13.23 -0.20
C GLY A 136 -6.55 13.64 -1.62
N LEU A 137 -6.11 12.88 -2.62
CA LEU A 137 -6.48 13.18 -4.00
C LEU A 137 -7.81 12.51 -4.35
N ILE A 138 -8.89 13.07 -3.84
CA ILE A 138 -10.17 12.38 -3.83
C ILE A 138 -10.91 12.40 -5.17
N ASP A 139 -10.44 13.20 -6.11
CA ASP A 139 -10.98 13.14 -7.47
C ASP A 139 -10.43 11.97 -8.29
N SER A 140 -9.46 11.25 -7.77
CA SER A 140 -8.89 10.07 -8.47
C SER A 140 -9.96 9.08 -8.90
N PRO A 141 -9.97 8.71 -10.20
CA PRO A 141 -11.12 7.92 -10.69
C PRO A 141 -11.02 6.43 -10.36
N SER A 142 -10.98 6.12 -9.06
CA SER A 142 -10.79 4.76 -8.58
C SER A 142 -12.02 4.22 -7.91
N ILE A 143 -13.11 5.00 -7.90
CA ILE A 143 -14.42 4.55 -7.42
C ILE A 143 -15.48 5.22 -8.25
N ASN A 144 -16.67 4.62 -8.27
CA ASN A 144 -17.88 5.19 -8.86
C ASN A 144 -18.02 6.71 -8.67
N LEU A 145 -18.38 7.42 -9.74
CA LEU A 145 -18.38 8.88 -9.71
C LEU A 145 -19.36 9.43 -8.66
N ASP A 146 -20.52 8.81 -8.55
CA ASP A 146 -21.54 9.33 -7.62
C ASP A 146 -21.09 9.15 -6.19
N VAL A 147 -20.46 8.03 -5.87
CA VAL A 147 -19.89 7.83 -4.55
C VAL A 147 -18.70 8.78 -4.34
N ARG A 148 -17.87 8.95 -5.37
CA ARG A 148 -16.73 9.87 -5.32
C ARG A 148 -17.21 11.29 -4.92
N LYS A 149 -18.33 11.71 -5.48
CA LYS A 149 -18.85 13.03 -5.18
C LYS A 149 -19.41 13.08 -3.76
N GLN A 150 -19.98 11.97 -3.31
CA GLN A 150 -20.49 11.89 -1.93
C GLN A 150 -19.35 12.06 -0.91
N TYR A 151 -18.24 11.37 -1.15
CA TYR A 151 -17.07 11.49 -0.28
C TYR A 151 -16.63 12.94 -0.23
N LYS A 152 -16.53 13.54 -1.41
CA LYS A 152 -16.11 14.93 -1.53
C LYS A 152 -16.99 15.87 -0.70
N ARG A 153 -18.30 15.70 -0.81
CA ARG A 153 -19.24 16.53 -0.04
C ARG A 153 -19.01 16.33 1.46
N ASP A 154 -18.96 15.07 1.90
CA ASP A 154 -18.75 14.77 3.32
C ASP A 154 -17.43 15.40 3.82
N ILE A 155 -16.38 15.30 3.02
CA ILE A 155 -15.05 15.74 3.43
C ILE A 155 -15.00 17.24 3.55
N GLN A 156 -15.57 17.94 2.58
CA GLN A 156 -15.64 19.40 2.63
C GLN A 156 -16.43 19.87 3.84
N ASN A 157 -17.52 19.18 4.14
CA ASN A 157 -18.34 19.54 5.31
C ASN A 157 -17.63 19.28 6.65
N ILE A 158 -16.91 18.17 6.74
CA ILE A 158 -16.09 17.91 7.92
C ILE A 158 -14.99 18.97 8.06
N ASP A 159 -14.35 19.32 6.94
CA ASP A 159 -13.33 20.37 6.97
C ASP A 159 -13.92 21.66 7.58
N ALA A 160 -15.14 22.00 7.19
CA ALA A 160 -15.81 23.21 7.68
C ALA A 160 -16.22 23.06 9.15
N LEU A 161 -16.45 21.83 9.60
CA LEU A 161 -16.75 21.56 11.01
C LEU A 161 -15.54 21.81 11.89
N LEU A 162 -14.36 21.48 11.39
CA LEU A 162 -13.16 21.54 12.20
C LEU A 162 -12.49 22.88 12.03
N HIS A 163 -13.09 23.93 12.61
CA HIS A 163 -12.58 25.28 12.42
C HIS A 163 -11.87 25.84 13.65
N GLN A 164 -12.07 25.23 14.82
CA GLN A 164 -11.50 25.80 16.04
C GLN A 164 -10.18 25.15 16.42
N SER A 165 -9.14 25.97 16.55
CA SER A 165 -7.81 25.47 16.85
C SER A 165 -7.68 25.10 18.33
N ILE A 166 -6.67 24.30 18.63
CA ILE A 166 -6.44 23.90 20.02
C ILE A 166 -6.01 25.14 20.83
N GLY A 167 -5.40 26.10 20.14
CA GLY A 167 -5.11 27.41 20.71
C GLY A 167 -3.76 27.55 21.39
N SER A 168 -3.40 28.80 21.70
CA SER A 168 -2.05 29.14 22.18
C SER A 168 -1.81 28.74 23.63
N THR A 169 -2.89 28.47 24.35
CA THR A 169 -2.76 28.13 25.77
C THR A 169 -2.59 26.62 25.99
N LEU A 170 -3.42 25.82 25.34
CA LEU A 170 -3.45 24.39 25.61
C LEU A 170 -2.39 23.58 24.86
N TYR A 171 -1.92 24.07 23.71
CA TYR A 171 -1.09 23.23 22.82
C TYR A 171 0.20 22.72 23.47
N ASN A 172 0.89 23.54 24.25
CA ASN A 172 2.11 23.04 24.89
C ASN A 172 1.87 22.56 26.32
N LYS A 173 0.60 22.37 26.68
CA LYS A 173 0.26 21.89 28.02
C LYS A 173 -0.29 20.47 28.00
N ILE A 174 -0.56 19.94 26.81
CA ILE A 174 -1.13 18.60 26.72
C ILE A 174 -0.43 17.75 25.66
N TYR A 175 -0.47 16.44 25.87
CA TYR A 175 -0.14 15.47 24.87
C TYR A 175 -1.41 14.76 24.44
N LEU A 176 -1.44 14.25 23.22
CA LEU A 176 -2.54 13.39 22.81
C LEU A 176 -1.95 12.09 22.38
N TYR A 177 -2.77 11.05 22.32
CA TYR A 177 -2.22 9.72 22.09
C TYR A 177 -2.93 8.99 20.96
N GLU A 178 -2.19 8.10 20.31
CA GLU A 178 -2.77 7.22 19.31
C GLU A 178 -2.09 5.84 19.37
N ASN A 179 -2.88 4.80 19.56
CA ASN A 179 -2.34 3.44 19.50
C ASN A 179 -2.43 2.97 18.06
N MET A 180 -1.41 2.27 17.60
CA MET A 180 -1.38 1.92 16.20
C MET A 180 -0.75 0.55 15.94
N ASN A 181 -1.31 -0.18 14.97
CA ASN A 181 -0.74 -1.44 14.52
C ASN A 181 0.47 -1.20 13.64
N ILE A 182 1.58 -1.86 13.96
CA ILE A 182 2.82 -1.74 13.20
C ILE A 182 2.57 -1.98 11.72
N ASN A 183 1.68 -2.92 11.45
CA ASN A 183 1.40 -3.31 10.08
C ASN A 183 0.74 -2.19 9.30
N ASN A 184 0.14 -1.23 10.01
CA ASN A 184 -0.49 -0.11 9.32
C ASN A 184 0.53 0.85 8.71
N LEU A 185 1.78 0.79 9.15
CA LEU A 185 2.83 1.60 8.52
C LEU A 185 3.48 0.84 7.39
N THR A 186 4.00 -0.37 7.66
CA THR A 186 4.38 -1.32 6.60
C THR A 186 4.10 -2.76 7.03
N ALA A 187 3.35 -3.46 6.20
CA ALA A 187 3.00 -4.86 6.45
C ALA A 187 4.25 -5.76 6.48
N THR A 188 5.31 -5.36 5.80
CA THR A 188 6.57 -6.12 5.86
C THR A 188 7.09 -6.14 7.29
N LEU A 189 7.74 -5.05 7.70
CA LEU A 189 8.45 -5.02 8.99
C LEU A 189 7.56 -5.21 10.22
N GLY A 190 6.26 -5.32 10.03
CA GLY A 190 5.38 -5.62 11.15
C GLY A 190 5.63 -6.97 11.79
N ALA A 191 5.64 -8.01 10.96
CA ALA A 191 5.89 -9.39 11.41
C ALA A 191 7.26 -9.57 12.07
N ASP A 192 8.22 -8.73 11.71
CA ASP A 192 9.59 -8.91 12.18
C ASP A 192 10.10 -7.76 13.07
N LEU A 193 9.20 -6.93 13.58
CA LEU A 193 9.58 -5.91 14.57
C LEU A 193 9.30 -6.47 15.97
N VAL A 194 8.44 -7.48 16.02
CA VAL A 194 8.22 -8.21 17.25
C VAL A 194 9.10 -9.44 17.25
N ASP A 195 9.87 -9.60 18.32
CA ASP A 195 10.71 -10.78 18.52
C ASP A 195 9.89 -12.06 18.37
N SER A 196 10.29 -12.91 17.41
CA SER A 196 9.59 -14.17 17.18
C SER A 196 9.71 -15.12 18.37
N THR A 197 10.82 -15.01 19.10
CA THR A 197 11.09 -15.91 20.22
C THR A 197 10.23 -15.53 21.42
N ASP A 198 10.21 -14.25 21.76
CA ASP A 198 9.36 -13.77 22.86
C ASP A 198 8.57 -12.53 22.42
N ASN A 199 7.26 -12.69 22.27
CA ASN A 199 6.40 -11.65 21.71
C ASN A 199 6.24 -10.41 22.60
N THR A 200 6.66 -10.51 23.86
CA THR A 200 6.64 -9.37 24.75
C THR A 200 7.84 -8.46 24.51
N LYS A 201 8.66 -8.81 23.53
CA LYS A 201 9.90 -8.07 23.29
C LYS A 201 9.94 -7.46 21.90
N ILE A 202 10.61 -6.32 21.78
CA ILE A 202 10.88 -5.74 20.46
C ILE A 202 12.25 -6.17 19.92
N ASN A 203 12.25 -6.62 18.66
CA ASN A 203 13.45 -6.87 17.89
C ASN A 203 14.41 -5.67 17.78
N ARG A 204 15.50 -5.70 18.55
CA ARG A 204 16.35 -4.51 18.70
C ARG A 204 17.02 -4.04 17.39
N GLY A 205 17.42 -5.00 16.56
CA GLY A 205 18.11 -4.70 15.33
C GLY A 205 17.18 -3.98 14.37
N ILE A 206 16.01 -4.58 14.14
CA ILE A 206 14.99 -4.00 13.28
C ILE A 206 14.63 -2.61 13.77
N PHE A 207 14.32 -2.53 15.06
CA PHE A 207 13.93 -1.29 15.71
C PHE A 207 14.91 -0.16 15.38
N ASN A 208 16.21 -0.45 15.41
CA ASN A 208 17.20 0.57 15.11
C ASN A 208 17.06 1.08 13.69
N GLU A 209 16.75 0.17 12.74
CA GLU A 209 16.49 0.53 11.35
C GLU A 209 15.27 1.43 11.23
N PHE A 210 14.12 0.88 11.66
CA PHE A 210 12.86 1.61 11.77
C PHE A 210 13.09 3.02 12.33
N LYS A 211 13.82 3.12 13.43
CA LYS A 211 14.12 4.40 14.07
C LYS A 211 14.90 5.35 13.16
N LYS A 212 15.94 4.82 12.50
CA LYS A 212 16.82 5.65 11.68
C LYS A 212 16.10 6.25 10.46
N ASN A 213 15.14 5.52 9.93
CA ASN A 213 14.45 5.96 8.72
C ASN A 213 13.10 6.70 8.97
N PHE A 214 12.72 6.87 10.22
CA PHE A 214 11.42 7.45 10.51
C PHE A 214 11.57 8.85 11.12
N LYS A 215 11.63 9.84 10.23
CA LYS A 215 11.84 11.22 10.63
C LYS A 215 10.62 12.12 10.45
N TYR A 216 9.71 11.76 9.55
CA TYR A 216 8.48 12.55 9.41
C TYR A 216 7.34 11.71 8.86
N SER A 217 6.14 12.27 8.97
CA SER A 217 4.92 11.50 8.83
C SER A 217 3.80 12.45 8.39
N ILE A 218 2.96 12.02 7.46
CA ILE A 218 1.86 12.87 6.99
C ILE A 218 0.54 12.21 7.32
N SER A 219 -0.41 13.00 7.79
CA SER A 219 -1.77 12.52 7.91
C SER A 219 -2.62 13.18 6.86
N SER A 220 -3.02 12.40 5.86
CA SER A 220 -3.93 12.86 4.83
C SER A 220 -5.40 12.60 5.22
N ASN A 221 -5.65 11.83 6.28
CA ASN A 221 -7.03 11.71 6.76
C ASN A 221 -7.17 12.37 8.10
N TYR A 222 -8.29 12.12 8.77
CA TYR A 222 -8.54 12.76 10.06
C TYR A 222 -8.14 11.86 11.21
N MET A 223 -7.05 12.19 11.87
CA MET A 223 -6.59 11.44 13.02
C MET A 223 -7.59 11.55 14.16
N ILE A 224 -7.91 10.41 14.75
CA ILE A 224 -8.71 10.38 15.96
C ILE A 224 -7.80 9.94 17.09
N VAL A 225 -7.61 10.84 18.06
CA VAL A 225 -6.60 10.65 19.09
C VAL A 225 -7.25 10.66 20.46
N ASP A 226 -6.63 9.96 21.40
CA ASP A 226 -7.11 9.89 22.78
C ASP A 226 -6.50 11.00 23.61
N ILE A 227 -7.32 11.62 24.45
CA ILE A 227 -6.83 12.65 25.34
C ILE A 227 -5.89 12.02 26.40
N ASN A 228 -6.19 10.80 26.80
CA ASN A 228 -5.38 10.07 27.76
C ASN A 228 -4.96 8.75 27.15
N GLU A 229 -3.69 8.39 27.35
CA GLU A 229 -3.17 7.16 26.74
C GLU A 229 -4.01 5.97 27.15
N ARG A 230 -4.35 5.14 26.17
CA ARG A 230 -5.22 4.00 26.39
C ARG A 230 -4.35 2.74 26.32
N PRO A 231 -4.59 1.78 27.22
CA PRO A 231 -3.88 0.51 27.18
C PRO A 231 -3.96 -0.15 25.81
N ALA A 232 -2.89 -0.79 25.39
CA ALA A 232 -2.85 -1.38 24.07
C ALA A 232 -3.79 -2.57 23.97
N LEU A 233 -4.41 -2.71 22.81
CA LEU A 233 -5.16 -3.92 22.47
C LEU A 233 -4.25 -4.80 21.64
N ASP A 234 -4.86 -5.83 21.02
CA ASP A 234 -4.13 -6.75 20.15
C ASP A 234 -3.61 -6.01 18.92
N ASN A 235 -2.35 -6.30 18.58
CA ASN A 235 -1.67 -5.66 17.46
C ASN A 235 -1.52 -4.14 17.64
N GLU A 236 -1.53 -3.65 18.86
CA GLU A 236 -1.29 -2.22 19.08
C GLU A 236 0.07 -2.06 19.75
N ARG A 237 1.14 -2.22 18.98
CA ARG A 237 2.49 -2.13 19.57
C ARG A 237 3.15 -0.75 19.41
N LEU A 238 2.54 0.14 18.63
CA LEU A 238 3.01 1.54 18.55
C LEU A 238 2.14 2.47 19.39
N LYS A 239 2.78 3.24 20.26
CA LYS A 239 2.08 4.18 21.10
C LYS A 239 2.57 5.60 20.79
N TRP A 240 1.85 6.30 19.92
CA TRP A 240 2.20 7.67 19.58
C TRP A 240 1.84 8.61 20.73
N ARG A 241 2.76 9.52 21.02
CA ARG A 241 2.50 10.65 21.90
C ARG A 241 2.73 11.90 21.07
N ILE A 242 1.67 12.69 20.88
CA ILE A 242 1.68 13.77 19.89
C ILE A 242 1.49 15.11 20.55
N GLN A 243 2.29 16.09 20.13
CA GLN A 243 2.10 17.47 20.54
C GLN A 243 1.59 18.31 19.38
N LEU A 244 0.42 18.90 19.58
CA LEU A 244 -0.21 19.75 18.57
C LEU A 244 0.49 21.08 18.43
N SER A 245 0.19 21.81 17.36
CA SER A 245 0.63 23.20 17.25
C SER A 245 -0.54 24.12 17.65
N PRO A 246 -0.25 25.37 18.04
CA PRO A 246 -1.31 26.29 18.46
C PRO A 246 -2.44 26.44 17.44
N ASP A 247 -2.15 26.38 16.15
CA ASP A 247 -3.22 26.57 15.18
C ASP A 247 -3.74 25.26 14.59
N THR A 248 -3.36 24.12 15.16
CA THR A 248 -3.95 22.85 14.77
C THR A 248 -5.46 22.82 15.07
N ARG A 249 -6.26 22.61 14.04
CA ARG A 249 -7.70 22.58 14.24
C ARG A 249 -8.16 21.17 14.62
N ALA A 250 -9.18 21.10 15.46
CA ALA A 250 -9.64 19.84 16.04
C ALA A 250 -11.07 19.93 16.56
N GLY A 251 -11.63 18.77 16.91
CA GLY A 251 -12.96 18.71 17.48
C GLY A 251 -12.99 17.70 18.61
N TYR A 252 -13.76 18.00 19.66
CA TYR A 252 -13.99 17.04 20.73
C TYR A 252 -14.97 15.93 20.31
N LEU A 253 -14.58 14.67 20.55
CA LEU A 253 -15.45 13.50 20.38
C LEU A 253 -15.77 12.90 21.75
N GLU A 254 -16.97 12.35 21.89
CA GLU A 254 -17.38 11.72 23.15
C GLU A 254 -16.37 10.68 23.59
N ASN A 255 -16.29 10.50 24.90
CA ASN A 255 -15.39 9.54 25.55
C ASN A 255 -13.92 9.96 25.47
N GLY A 256 -13.70 11.27 25.49
CA GLY A 256 -12.36 11.82 25.67
C GLY A 256 -11.42 11.68 24.49
N LYS A 257 -11.92 11.97 23.29
CA LYS A 257 -11.11 11.89 22.07
C LYS A 257 -11.16 13.20 21.33
N LEU A 258 -10.18 13.41 20.47
CA LEU A 258 -10.17 14.52 19.54
C LEU A 258 -10.08 14.00 18.12
N ILE A 259 -10.81 14.65 17.22
CA ILE A 259 -10.60 14.44 15.81
C ILE A 259 -9.77 15.63 15.32
N LEU A 260 -8.66 15.36 14.65
CA LEU A 260 -7.78 16.39 14.14
C LEU A 260 -8.11 16.72 12.70
N GLN A 261 -7.84 17.96 12.29
CA GLN A 261 -7.96 18.35 10.88
C GLN A 261 -7.08 17.45 10.03
N ARG A 262 -7.51 17.21 8.80
CA ARG A 262 -6.68 16.41 7.89
C ARG A 262 -5.57 17.29 7.32
N ASN A 263 -4.64 16.67 6.57
CA ASN A 263 -3.49 17.36 6.00
C ASN A 263 -2.62 18.06 7.02
N ILE A 264 -2.12 17.30 7.98
CA ILE A 264 -1.13 17.86 8.86
C ILE A 264 0.18 17.09 8.69
N GLY A 265 1.28 17.74 9.04
CA GLY A 265 2.57 17.09 9.09
C GLY A 265 2.96 16.77 10.50
N LEU A 266 3.73 15.70 10.67
CA LEU A 266 4.31 15.34 11.96
C LEU A 266 5.82 15.11 11.81
N GLU A 267 6.58 15.82 12.63
CA GLU A 267 8.00 15.55 12.75
C GLU A 267 8.20 14.55 13.87
N ILE A 268 8.94 13.49 13.58
CA ILE A 268 9.24 12.48 14.57
C ILE A 268 10.37 12.98 15.45
N LYS A 269 10.09 13.20 16.73
CA LYS A 269 11.08 13.75 17.65
C LYS A 269 11.87 12.67 18.37
N ASP A 270 11.27 11.51 18.55
CA ASP A 270 11.90 10.45 19.33
C ASP A 270 11.15 9.16 19.14
N VAL A 271 11.89 8.06 19.13
CA VAL A 271 11.33 6.73 19.04
C VAL A 271 12.08 5.88 20.03
N GLN A 272 11.39 5.39 21.06
CA GLN A 272 12.01 4.59 22.09
C GLN A 272 11.27 3.28 22.31
N ILE A 273 11.98 2.27 22.77
CA ILE A 273 11.33 1.06 23.25
C ILE A 273 10.99 1.29 24.70
N ILE A 274 9.75 1.02 25.07
CA ILE A 274 9.29 1.23 26.44
C ILE A 274 8.58 0.00 26.96
N LYS A 275 8.44 -0.08 28.28
CA LYS A 275 7.79 -1.20 28.94
C LYS A 275 6.47 -0.74 29.53
N GLN A 276 5.40 -1.46 29.20
CA GLN A 276 4.10 -1.22 29.80
C GLN A 276 3.51 -2.56 30.20
N SER A 277 3.29 -2.76 31.49
CA SER A 277 2.70 -3.99 32.03
C SER A 277 3.35 -5.26 31.50
N GLU A 278 4.68 -5.34 31.62
CA GLU A 278 5.44 -6.51 31.20
C GLU A 278 5.25 -6.86 29.71
N LYS A 279 5.17 -5.84 28.87
CA LYS A 279 5.35 -6.04 27.43
C LYS A 279 6.09 -4.81 26.90
N GLU A 280 6.89 -5.00 25.87
CA GLU A 280 7.62 -3.88 25.30
C GLU A 280 6.79 -3.25 24.21
N TYR A 281 6.78 -1.92 24.17
CA TYR A 281 6.09 -1.17 23.14
C TYR A 281 7.03 -0.19 22.48
N ILE A 282 6.62 0.36 21.34
CA ILE A 282 7.38 1.42 20.71
C ILE A 282 6.67 2.75 20.90
N ARG A 283 7.28 3.61 21.71
CA ARG A 283 6.83 4.99 21.87
C ARG A 283 7.31 5.83 20.71
N ILE A 284 6.39 6.58 20.11
CA ILE A 284 6.77 7.52 19.06
C ILE A 284 6.34 8.90 19.46
N ASP A 285 7.32 9.77 19.67
CA ASP A 285 7.01 11.15 19.99
C ASP A 285 7.06 11.96 18.72
N ALA A 286 5.95 12.66 18.46
CA ALA A 286 5.78 13.44 17.24
C ALA A 286 5.23 14.83 17.54
N LYS A 287 5.67 15.81 16.75
CA LYS A 287 5.19 17.18 16.84
C LYS A 287 4.51 17.59 15.54
N VAL A 288 3.31 18.16 15.65
CA VAL A 288 2.58 18.67 14.48
C VAL A 288 3.30 19.86 13.87
N VAL A 289 3.56 19.79 12.57
CA VAL A 289 4.19 20.89 11.83
C VAL A 289 3.32 21.14 10.60
N PRO A 290 3.55 22.27 9.90
CA PRO A 290 2.75 22.44 8.68
C PRO A 290 3.10 21.37 7.64
N LYS A 291 2.07 20.84 6.98
CA LYS A 291 2.26 19.82 5.98
C LYS A 291 3.20 20.27 4.87
N SER A 292 3.14 21.55 4.55
CA SER A 292 3.95 22.11 3.47
C SER A 292 5.42 21.99 3.78
N LYS A 293 5.75 21.99 5.07
CA LYS A 293 7.13 21.81 5.52
C LYS A 293 7.66 20.44 5.13
N ILE A 294 6.81 19.42 5.29
CA ILE A 294 7.21 18.05 5.01
C ILE A 294 7.22 17.81 3.51
N ASP A 295 6.19 18.32 2.82
CA ASP A 295 6.16 18.22 1.37
C ASP A 295 7.42 18.83 0.76
N THR A 296 7.92 19.89 1.37
CA THR A 296 9.16 20.51 0.92
C THR A 296 10.32 19.52 1.01
N LYS A 297 10.45 18.85 2.17
CA LYS A 297 11.47 17.81 2.35
C LYS A 297 11.33 16.68 1.33
N ILE A 298 10.10 16.31 1.01
CA ILE A 298 9.87 15.24 0.03
C ILE A 298 10.28 15.71 -1.36
N GLN A 299 9.93 16.94 -1.72
CA GLN A 299 10.27 17.44 -3.05
C GLN A 299 11.78 17.59 -3.22
N GLU A 300 12.45 18.04 -2.17
CA GLU A 300 13.89 18.16 -2.19
C GLU A 300 14.53 16.80 -2.39
N ALA A 301 14.03 15.80 -1.66
CA ALA A 301 14.58 14.46 -1.77
C ALA A 301 14.35 13.90 -3.16
N GLN A 302 13.22 14.28 -3.77
CA GLN A 302 12.91 13.81 -5.12
C GLN A 302 13.91 14.36 -6.13
N LEU A 303 14.22 15.65 -6.00
CA LEU A 303 15.21 16.29 -6.83
C LEU A 303 16.59 15.62 -6.66
N ASN A 304 17.00 15.42 -5.41
CA ASN A 304 18.27 14.78 -5.11
C ASN A 304 18.42 13.36 -5.66
N ILE A 305 17.36 12.55 -5.56
CA ILE A 305 17.47 11.16 -6.00
C ILE A 305 17.51 11.10 -7.54
N ASN A 306 16.82 12.02 -8.21
CA ASN A 306 16.90 12.05 -9.66
C ASN A 306 18.24 12.59 -10.16
N GLN A 307 18.77 13.61 -9.49
CA GLN A 307 20.07 14.16 -9.85
C GLN A 307 21.13 13.07 -9.77
N GLU A 308 21.11 12.33 -8.66
CA GLU A 308 22.08 11.26 -8.44
C GLU A 308 21.95 10.16 -9.49
N TRP A 309 20.72 9.69 -9.75
CA TRP A 309 20.52 8.59 -10.68
C TRP A 309 20.55 9.01 -12.15
N ASN A 310 20.26 10.29 -12.43
CA ASN A 310 20.46 10.81 -13.79
C ASN A 310 21.94 10.75 -14.17
N LYS A 311 22.80 11.03 -13.20
CA LYS A 311 24.25 10.96 -13.41
C LYS A 311 24.69 9.52 -13.70
N ALA A 312 24.38 8.64 -12.75
CA ALA A 312 24.80 7.25 -12.81
C ALA A 312 24.24 6.47 -14.00
N LEU A 313 23.25 7.03 -14.70
CA LEU A 313 22.55 6.30 -15.77
C LEU A 313 22.81 6.88 -17.15
N GLY A 314 23.46 8.03 -17.21
CA GLY A 314 23.74 8.68 -18.48
C GLY A 314 22.56 9.42 -19.07
N LEU A 315 21.59 9.76 -18.21
CA LEU A 315 20.43 10.51 -18.65
C LEU A 315 20.71 11.99 -18.55
N PRO A 316 20.01 12.80 -19.36
CA PRO A 316 20.06 14.26 -19.23
C PRO A 316 19.78 14.72 -17.81
N LYS A 317 20.41 15.82 -17.39
CA LYS A 317 20.45 16.25 -16.01
C LYS A 317 19.07 16.41 -15.36
N TYR A 318 18.08 16.77 -16.17
CA TYR A 318 16.75 17.12 -15.67
C TYR A 318 15.68 16.13 -16.08
N THR A 319 16.09 14.88 -16.30
CA THR A 319 15.14 13.82 -16.55
C THR A 319 14.29 13.65 -15.30
N LYS A 320 12.97 13.70 -15.47
CA LYS A 320 12.04 13.33 -14.39
C LYS A 320 11.77 11.83 -14.49
N LEU A 321 12.51 11.04 -13.71
CA LEU A 321 12.36 9.58 -13.74
C LEU A 321 11.75 9.01 -12.45
N ILE A 322 12.24 9.47 -11.31
CA ILE A 322 11.80 8.97 -10.02
C ILE A 322 10.76 9.93 -9.42
N THR A 323 9.60 9.39 -9.04
CA THR A 323 8.53 10.17 -8.41
C THR A 323 8.28 9.67 -7.00
N PHE A 324 8.21 10.61 -6.07
CA PHE A 324 7.77 10.32 -4.71
C PHE A 324 6.33 10.77 -4.61
N ASN A 325 5.42 9.81 -4.53
CA ASN A 325 4.02 10.12 -4.41
C ASN A 325 3.63 9.77 -2.98
N VAL A 326 3.90 10.70 -2.06
CA VAL A 326 3.93 10.36 -0.65
C VAL A 326 2.98 11.25 0.15
N HIS A 327 2.10 10.62 0.94
CA HIS A 327 1.03 11.36 1.61
C HIS A 327 0.61 10.79 2.97
N ASN A 328 1.21 9.69 3.40
CA ASN A 328 0.70 9.02 4.60
C ASN A 328 1.71 8.85 5.72
N ARG A 329 1.32 8.10 6.75
CA ARG A 329 1.96 8.23 8.06
C ARG A 329 3.39 7.67 8.16
N TYR A 330 3.82 6.89 7.17
CA TYR A 330 5.16 6.35 7.19
C TYR A 330 6.02 7.04 6.13
N ALA A 331 5.63 8.27 5.78
CA ALA A 331 6.24 9.08 4.70
C ALA A 331 7.76 8.98 4.49
N SER A 332 8.54 9.30 5.52
CA SER A 332 9.98 9.39 5.31
C SER A 332 10.60 8.03 4.97
N ASN A 333 9.98 6.95 5.43
CA ASN A 333 10.51 5.64 5.10
C ASN A 333 10.32 5.31 3.63
N ILE A 334 9.23 5.81 3.05
CA ILE A 334 9.02 5.62 1.61
C ILE A 334 10.15 6.27 0.85
N VAL A 335 10.52 7.47 1.27
CA VAL A 335 11.60 8.18 0.62
C VAL A 335 12.94 7.46 0.84
N GLU A 336 13.22 7.09 2.08
CA GLU A 336 14.48 6.42 2.41
C GLU A 336 14.63 5.09 1.71
N SER A 337 13.55 4.33 1.61
CA SER A 337 13.62 2.99 1.01
C SER A 337 13.84 3.05 -0.50
N ALA A 338 13.35 4.10 -1.16
CA ALA A 338 13.59 4.24 -2.58
C ALA A 338 15.08 4.24 -2.89
N TYR A 339 15.86 4.93 -2.09
CA TYR A 339 17.32 4.92 -2.20
C TYR A 339 17.88 3.49 -2.09
N LEU A 340 17.40 2.74 -1.11
CA LEU A 340 17.90 1.39 -0.87
C LEU A 340 17.52 0.46 -2.02
N ILE A 341 16.26 0.55 -2.43
CA ILE A 341 15.71 -0.28 -3.49
C ILE A 341 16.50 -0.12 -4.78
N LEU A 342 16.79 1.13 -5.14
CA LEU A 342 17.53 1.40 -6.36
C LEU A 342 19.02 1.00 -6.25
N ASN A 343 19.56 0.99 -5.04
CA ASN A 343 20.94 0.51 -4.83
C ASN A 343 21.00 -1.01 -5.06
N GLU A 344 20.08 -1.75 -4.44
CA GLU A 344 19.93 -3.19 -4.69
C GLU A 344 19.79 -3.55 -6.18
N TRP A 345 18.94 -2.80 -6.86
CA TRP A 345 18.75 -2.88 -8.30
C TRP A 345 20.07 -2.78 -9.08
N LYS A 346 20.81 -1.68 -8.91
CA LYS A 346 22.08 -1.50 -9.62
C LYS A 346 23.09 -2.56 -9.20
N ASN A 347 23.00 -3.00 -7.94
CA ASN A 347 23.91 -4.01 -7.44
C ASN A 347 23.70 -5.37 -8.07
N ASN A 348 22.45 -5.73 -8.33
CA ASN A 348 22.16 -7.09 -8.77
C ASN A 348 21.83 -7.27 -10.25
N ILE A 349 21.98 -6.20 -11.04
CA ILE A 349 21.66 -6.24 -12.47
C ILE A 349 22.75 -5.55 -13.28
N GLN A 350 23.15 -6.17 -14.40
CA GLN A 350 24.23 -5.63 -15.25
C GLN A 350 23.95 -4.22 -15.66
N SER A 351 24.94 -3.34 -15.52
CA SER A 351 24.71 -1.92 -15.73
C SER A 351 24.26 -1.58 -17.16
N ASP A 352 24.52 -2.47 -18.11
CA ASP A 352 24.15 -2.21 -19.50
C ASP A 352 22.69 -2.59 -19.76
N LEU A 353 22.18 -3.57 -19.03
CA LEU A 353 20.78 -3.93 -19.10
C LEU A 353 19.93 -2.81 -18.48
N ILE A 354 20.35 -2.34 -17.31
CA ILE A 354 19.71 -1.21 -16.64
C ILE A 354 19.61 0.00 -17.54
N LYS A 355 20.73 0.37 -18.16
CA LYS A 355 20.79 1.60 -18.94
C LYS A 355 19.94 1.52 -20.21
N LYS A 356 20.04 0.41 -20.95
CA LYS A 356 19.23 0.21 -22.16
C LYS A 356 17.72 0.24 -21.87
N VAL A 357 17.29 -0.53 -20.88
CA VAL A 357 15.87 -0.64 -20.58
C VAL A 357 15.33 0.69 -20.04
N THR A 358 16.07 1.31 -19.13
CA THR A 358 15.64 2.57 -18.54
C THR A 358 15.55 3.68 -19.59
N ASN A 359 16.47 3.68 -20.55
CA ASN A 359 16.42 4.69 -21.59
C ASN A 359 15.17 4.52 -22.43
N TYR A 360 14.82 3.27 -22.70
CA TYR A 360 13.53 2.96 -23.33
C TYR A 360 12.34 3.47 -22.49
N LEU A 361 12.38 3.27 -21.17
CA LEU A 361 11.27 3.72 -20.34
C LEU A 361 11.17 5.23 -20.45
N VAL A 362 12.32 5.91 -20.28
CA VAL A 362 12.37 7.36 -20.36
C VAL A 362 11.90 7.89 -21.73
N ASP A 363 12.24 7.17 -22.80
CA ASP A 363 11.76 7.52 -24.13
C ASP A 363 10.24 7.58 -24.20
N GLY A 364 9.57 6.79 -23.36
CA GLY A 364 8.12 6.80 -23.31
C GLY A 364 7.56 7.67 -22.18
N ASN A 365 8.41 8.55 -21.64
CA ASN A 365 8.07 9.42 -20.52
C ASN A 365 7.67 8.62 -19.26
N GLY A 366 8.38 7.53 -19.01
CA GLY A 366 8.09 6.64 -17.90
C GLY A 366 8.61 7.09 -16.55
N ARG A 367 8.15 6.43 -15.50
CA ARG A 367 8.54 6.80 -14.14
C ARG A 367 8.78 5.57 -13.29
N PHE A 368 9.68 5.71 -12.32
CA PHE A 368 9.70 4.84 -11.14
C PHE A 368 8.92 5.59 -10.06
N VAL A 369 7.73 5.10 -9.74
CA VAL A 369 6.87 5.75 -8.75
C VAL A 369 6.90 5.00 -7.43
N PHE A 370 7.40 5.66 -6.39
CA PHE A 370 7.42 5.10 -5.04
C PHE A 370 6.35 5.80 -4.22
N THR A 371 5.41 5.06 -3.68
CA THR A 371 4.22 5.71 -3.12
C THR A 371 3.68 5.03 -1.89
N ASP A 372 2.85 5.74 -1.14
CA ASP A 372 2.17 5.14 0.00
C ASP A 372 0.65 5.32 -0.14
N ILE A 373 0.21 5.63 -1.37
CA ILE A 373 -1.22 5.62 -1.68
C ILE A 373 -1.49 4.42 -2.60
N THR A 374 -2.72 3.94 -2.68
CA THR A 374 -2.95 2.69 -3.41
C THR A 374 -2.79 2.91 -4.92
N LEU A 375 -2.28 1.88 -5.60
CA LEU A 375 -1.87 2.02 -6.99
C LEU A 375 -3.00 2.46 -7.96
N PRO A 376 -4.26 2.03 -7.75
CA PRO A 376 -5.34 2.59 -8.59
C PRO A 376 -5.44 4.12 -8.55
N ASN A 377 -4.84 4.73 -7.53
CA ASN A 377 -4.87 6.18 -7.43
C ASN A 377 -3.62 6.83 -7.98
N ILE A 378 -2.79 6.02 -8.64
CA ILE A 378 -1.60 6.53 -9.32
C ILE A 378 -1.94 6.79 -10.81
N ALA A 379 -1.75 8.04 -11.27
CA ALA A 379 -2.09 8.41 -12.65
C ALA A 379 -1.44 7.49 -13.68
N GLU A 380 -0.18 7.11 -13.46
CA GLU A 380 0.50 6.24 -14.43
C GLU A 380 -0.25 4.92 -14.62
N GLN A 381 -1.08 4.54 -13.64
CA GLN A 381 -2.05 3.46 -13.86
C GLN A 381 -3.41 3.97 -14.38
N TYR A 382 -4.11 4.82 -13.60
CA TYR A 382 -5.52 5.04 -13.92
C TYR A 382 -5.75 5.76 -15.25
N THR A 383 -4.77 6.52 -15.73
CA THR A 383 -5.04 7.22 -17.00
C THR A 383 -5.15 6.21 -18.15
N HIS A 384 -4.66 5.00 -17.94
CA HIS A 384 -4.71 3.98 -18.98
C HIS A 384 -5.67 2.88 -18.64
N GLN A 385 -6.36 3.02 -17.53
CA GLN A 385 -7.23 1.96 -17.07
C GLN A 385 -8.51 2.55 -16.52
N ASP A 386 -9.43 2.90 -17.41
CA ASP A 386 -10.69 3.58 -17.05
C ASP A 386 -11.63 2.73 -16.24
N GLU A 387 -11.67 1.44 -16.55
CA GLU A 387 -12.54 0.51 -15.83
C GLU A 387 -11.97 0.21 -14.45
N ILE A 388 -12.72 0.59 -13.42
CA ILE A 388 -12.30 0.32 -12.05
C ILE A 388 -12.08 -1.18 -11.82
N TYR A 389 -12.91 -2.04 -12.40
CA TYR A 389 -12.74 -3.48 -12.16
C TYR A 389 -11.44 -4.00 -12.76
N GLU A 390 -10.80 -3.22 -13.62
CA GLU A 390 -9.53 -3.64 -14.20
C GLU A 390 -8.37 -2.99 -13.49
N GLN A 391 -8.67 -2.04 -12.61
CA GLN A 391 -7.61 -1.38 -11.84
C GLN A 391 -7.06 -2.30 -10.75
N VAL A 392 -5.76 -2.21 -10.48
CA VAL A 392 -5.09 -3.17 -9.61
C VAL A 392 -4.43 -2.47 -8.44
N HIS A 393 -4.68 -2.94 -7.22
CA HIS A 393 -3.83 -2.51 -6.14
C HIS A 393 -2.97 -3.69 -5.70
N SER A 394 -1.69 -3.44 -5.51
CA SER A 394 -0.74 -4.51 -5.20
C SER A 394 0.58 -3.89 -4.73
N LYS A 395 1.57 -4.73 -4.39
CA LYS A 395 2.86 -4.24 -3.94
C LYS A 395 3.56 -3.50 -5.08
N GLY A 396 3.41 -4.04 -6.27
CA GLY A 396 4.14 -3.53 -7.42
C GLY A 396 3.43 -3.77 -8.74
N LEU A 397 3.79 -2.97 -9.74
CA LEU A 397 3.09 -2.98 -11.01
C LEU A 397 3.99 -2.40 -12.10
N TYR A 398 3.93 -3.00 -13.28
CA TYR A 398 4.49 -2.35 -14.45
C TYR A 398 3.37 -2.03 -15.40
N VAL A 399 3.35 -0.80 -15.89
CA VAL A 399 2.32 -0.35 -16.81
C VAL A 399 2.96 0.03 -18.13
N PRO A 400 2.83 -0.84 -19.15
CA PRO A 400 3.46 -0.64 -20.45
C PRO A 400 3.01 0.65 -21.13
N GLU A 401 1.74 1.01 -20.99
CA GLU A 401 1.21 2.19 -21.67
C GLU A 401 1.87 3.45 -21.14
N SER A 402 2.33 3.43 -19.89
CA SER A 402 3.01 4.60 -19.34
C SER A 402 4.50 4.30 -19.11
N ARG A 403 4.90 3.07 -19.42
CA ARG A 403 6.27 2.63 -19.18
C ARG A 403 6.73 2.97 -17.78
N SER A 404 5.89 2.64 -16.79
CA SER A 404 6.22 3.01 -15.44
C SER A 404 6.21 1.82 -14.50
N ILE A 405 7.10 1.87 -13.51
CA ILE A 405 7.10 0.91 -12.44
C ILE A 405 6.51 1.57 -11.20
N LEU A 406 5.52 0.92 -10.58
CA LEU A 406 4.90 1.49 -9.40
C LEU A 406 5.21 0.58 -8.24
N LEU A 407 5.59 1.18 -7.13
CA LEU A 407 5.95 0.39 -5.96
C LEU A 407 5.34 1.02 -4.72
N HIS A 408 4.45 0.27 -4.09
CA HIS A 408 3.69 0.68 -2.92
C HIS A 408 4.36 0.19 -1.64
N GLY A 409 4.87 1.12 -0.85
CA GLY A 409 5.56 0.79 0.40
C GLY A 409 4.83 0.01 1.49
N PRO A 410 3.66 0.48 1.93
CA PRO A 410 2.93 -0.11 3.06
C PRO A 410 2.50 -1.57 2.90
N SER A 411 2.29 -2.04 1.69
CA SER A 411 1.75 -3.39 1.51
C SER A 411 2.83 -4.47 1.53
N LYS A 412 2.39 -5.72 1.55
CA LYS A 412 3.29 -6.87 1.40
C LYS A 412 2.91 -7.62 0.13
N GLY A 413 3.92 -8.12 -0.57
CA GLY A 413 3.69 -8.85 -1.80
C GLY A 413 3.53 -10.35 -1.60
N VAL A 414 2.86 -10.98 -2.56
CA VAL A 414 2.73 -12.44 -2.59
C VAL A 414 4.11 -13.11 -2.55
N GLU A 415 4.38 -13.81 -1.46
CA GLU A 415 5.63 -14.58 -1.30
C GLU A 415 6.87 -13.76 -1.68
N LEU A 416 6.98 -12.59 -1.08
CA LEU A 416 8.04 -11.63 -1.38
C LEU A 416 8.79 -11.26 -0.11
N ARG A 417 10.11 -11.36 -0.13
CA ARG A 417 10.94 -11.09 1.05
C ARG A 417 10.94 -9.60 1.42
N ASN A 418 11.13 -8.74 0.43
CA ASN A 418 11.30 -7.33 0.67
C ASN A 418 10.94 -6.51 -0.56
N ASP A 419 11.01 -5.19 -0.43
CA ASP A 419 10.67 -4.28 -1.51
C ASP A 419 11.63 -4.37 -2.72
N SER A 420 12.92 -4.52 -2.46
CA SER A 420 13.91 -4.59 -3.53
C SER A 420 13.62 -5.71 -4.53
N GLU A 421 13.21 -6.86 -4.01
CA GLU A 421 12.93 -7.98 -4.89
C GLU A 421 11.67 -7.69 -5.71
N GLY A 422 10.70 -7.02 -5.09
CA GLY A 422 9.51 -6.59 -5.79
C GLY A 422 9.84 -5.72 -6.97
N PHE A 423 10.76 -4.77 -6.76
CA PHE A 423 11.15 -3.86 -7.81
C PHE A 423 11.81 -4.60 -8.97
N ILE A 424 12.63 -5.58 -8.65
CA ILE A 424 13.37 -6.30 -9.70
C ILE A 424 12.39 -7.13 -10.54
N HIS A 425 11.33 -7.64 -9.90
CA HIS A 425 10.27 -8.31 -10.64
C HIS A 425 9.62 -7.36 -11.65
N GLU A 426 9.29 -6.15 -11.19
CA GLU A 426 8.70 -5.15 -12.08
C GLU A 426 9.66 -4.77 -13.19
N PHE A 427 10.93 -4.64 -12.86
CA PHE A 427 11.91 -4.36 -13.89
C PHE A 427 11.96 -5.50 -14.93
N GLY A 428 11.64 -6.70 -14.47
CA GLY A 428 11.53 -7.86 -15.34
C GLY A 428 10.43 -7.67 -16.38
N HIS A 429 9.29 -7.14 -15.93
CA HIS A 429 8.22 -6.83 -16.86
C HIS A 429 8.70 -5.83 -17.90
N ALA A 430 9.49 -4.88 -17.45
CA ALA A 430 10.00 -3.85 -18.33
C ALA A 430 10.96 -4.46 -19.37
N VAL A 431 11.78 -5.40 -18.94
CA VAL A 431 12.68 -6.12 -19.87
C VAL A 431 11.88 -6.92 -20.92
N ASP A 432 10.80 -7.54 -20.48
CA ASP A 432 9.86 -8.25 -21.34
C ASP A 432 9.34 -7.33 -22.44
N ASP A 433 8.91 -6.15 -22.02
CA ASP A 433 8.39 -5.11 -22.90
C ASP A 433 9.43 -4.72 -23.95
N TYR A 434 10.62 -4.35 -23.50
CA TYR A 434 11.66 -3.84 -24.39
C TYR A 434 12.18 -4.87 -25.39
N ALA A 435 12.24 -6.13 -24.97
CA ALA A 435 12.73 -7.18 -25.84
C ALA A 435 11.74 -7.38 -26.96
N GLY A 436 10.45 -7.39 -26.60
CA GLY A 436 9.38 -7.52 -27.57
C GLY A 436 9.39 -6.36 -28.55
N TYR A 437 9.69 -5.17 -28.05
CA TYR A 437 9.78 -3.99 -28.89
C TYR A 437 10.90 -4.12 -29.91
N LEU A 438 12.07 -4.55 -29.45
CA LEU A 438 13.24 -4.66 -30.32
C LEU A 438 13.00 -5.65 -31.45
N LEU A 439 12.39 -6.79 -31.11
CA LEU A 439 11.88 -7.72 -32.11
C LEU A 439 11.12 -6.99 -33.21
N ASP A 440 9.98 -6.41 -32.86
CA ASP A 440 9.09 -5.76 -33.84
C ASP A 440 8.74 -4.34 -33.40
N LYS A 441 9.57 -3.38 -33.79
CA LYS A 441 9.34 -1.98 -33.40
C LYS A 441 8.02 -1.47 -33.95
N ASN A 442 7.53 -2.08 -35.02
CA ASN A 442 6.25 -1.69 -35.62
C ASN A 442 5.07 -2.09 -34.74
N GLN A 443 4.61 -3.32 -34.89
CA GLN A 443 3.56 -3.85 -34.01
C GLN A 443 4.21 -4.31 -32.71
N SER A 444 4.29 -3.39 -31.75
CA SER A 444 5.10 -3.56 -30.56
C SER A 444 4.40 -4.35 -29.44
N ASP A 445 4.86 -5.58 -29.22
CA ASP A 445 4.24 -6.48 -28.27
C ASP A 445 5.28 -7.00 -27.25
N LEU A 446 4.82 -7.78 -26.27
CA LEU A 446 5.70 -8.34 -25.24
C LEU A 446 6.39 -9.61 -25.73
N VAL A 447 7.66 -9.78 -25.40
CA VAL A 447 8.39 -10.97 -25.85
C VAL A 447 7.78 -12.25 -25.25
N THR A 448 7.12 -12.15 -24.10
CA THR A 448 6.51 -13.34 -23.52
C THR A 448 5.21 -13.71 -24.24
N ASN A 449 4.88 -12.93 -25.27
CA ASN A 449 3.75 -13.27 -26.12
C ASN A 449 4.20 -14.04 -27.35
N SER A 450 5.52 -14.18 -27.52
CA SER A 450 6.08 -14.95 -28.64
C SER A 450 5.79 -16.44 -28.52
N LYS A 451 5.73 -17.13 -29.66
CA LYS A 451 5.35 -18.55 -29.69
C LYS A 451 6.38 -19.39 -28.94
N LYS A 452 7.62 -18.95 -28.98
CA LYS A 452 8.68 -19.64 -28.25
C LYS A 452 8.40 -19.63 -26.74
N PHE A 453 8.12 -18.46 -26.20
CA PHE A 453 7.96 -18.40 -24.75
C PHE A 453 6.67 -19.07 -24.31
N ILE A 454 5.62 -18.95 -25.11
CA ILE A 454 4.37 -19.63 -24.81
C ILE A 454 4.60 -21.14 -24.57
N ASP A 455 5.36 -21.77 -25.46
CA ASP A 455 5.62 -23.20 -25.33
C ASP A 455 6.53 -23.52 -24.15
N ILE A 456 7.52 -22.67 -23.92
CA ILE A 456 8.39 -22.82 -22.76
C ILE A 456 7.57 -22.79 -21.48
N PHE A 457 6.59 -21.88 -21.43
CA PHE A 457 5.74 -21.71 -20.26
C PHE A 457 4.76 -22.88 -20.09
N LYS A 458 4.24 -23.39 -21.20
CA LYS A 458 3.35 -24.57 -21.16
C LYS A 458 4.07 -25.77 -20.53
N GLU A 459 5.40 -25.81 -20.67
CA GLU A 459 6.21 -26.88 -20.09
C GLU A 459 6.79 -26.56 -18.70
N GLU A 460 7.43 -25.40 -18.54
CA GLU A 460 8.14 -25.12 -17.29
C GLU A 460 7.41 -24.21 -16.30
N GLY A 461 6.23 -23.71 -16.68
CA GLY A 461 5.52 -22.71 -15.90
C GLY A 461 5.10 -23.09 -14.48
N SER A 462 5.20 -24.36 -14.14
CA SER A 462 4.82 -24.83 -12.82
C SER A 462 6.04 -25.06 -11.93
N ASN A 463 7.22 -24.82 -12.48
CA ASN A 463 8.44 -25.27 -11.82
C ASN A 463 9.06 -24.27 -10.85
N LEU A 464 8.71 -23.00 -10.99
CA LEU A 464 9.24 -21.98 -10.10
C LEU A 464 8.20 -21.60 -9.03
N THR A 465 8.12 -20.32 -8.67
CA THR A 465 7.23 -19.89 -7.58
C THR A 465 5.77 -20.17 -7.88
N SER A 466 4.98 -20.36 -6.83
CA SER A 466 3.56 -20.62 -6.99
C SER A 466 2.91 -19.49 -7.79
N TYR A 467 3.39 -18.27 -7.58
CA TYR A 467 2.78 -17.11 -8.22
C TYR A 467 3.10 -17.11 -9.71
N GLY A 468 4.27 -17.65 -10.04
CA GLY A 468 4.73 -17.70 -11.42
C GLY A 468 3.88 -18.53 -12.36
N ARG A 469 3.03 -19.39 -11.83
CA ARG A 469 2.17 -20.22 -12.68
C ARG A 469 1.04 -19.40 -13.35
N THR A 470 0.90 -18.14 -12.95
CA THR A 470 -0.24 -17.32 -13.36
C THR A 470 -0.40 -17.18 -14.86
N ASN A 471 0.66 -16.71 -15.52
CA ASN A 471 0.66 -16.55 -16.96
C ASN A 471 2.07 -16.33 -17.40
N GLU A 472 2.26 -16.11 -18.70
CA GLU A 472 3.61 -16.03 -19.26
C GLU A 472 4.37 -14.81 -18.78
N ALA A 473 3.70 -13.67 -18.73
CA ALA A 473 4.33 -12.44 -18.30
C ALA A 473 4.84 -12.55 -16.86
N GLU A 474 4.05 -13.18 -15.99
CA GLU A 474 4.42 -13.28 -14.59
C GLU A 474 5.50 -14.35 -14.41
N PHE A 475 5.38 -15.45 -15.15
CA PHE A 475 6.38 -16.50 -15.10
C PHE A 475 7.76 -15.94 -15.43
N PHE A 476 7.88 -15.30 -16.58
CA PHE A 476 9.07 -14.54 -16.95
C PHE A 476 9.60 -13.64 -15.83
N ALA A 477 8.73 -12.78 -15.30
CA ALA A 477 9.11 -11.80 -14.28
C ALA A 477 9.63 -12.47 -13.02
N GLU A 478 8.94 -13.52 -12.57
CA GLU A 478 9.39 -14.29 -11.43
C GLU A 478 10.74 -14.96 -11.72
N ALA A 479 10.86 -15.59 -12.89
CA ALA A 479 12.14 -16.15 -13.31
C ALA A 479 13.24 -15.07 -13.34
N PHE A 480 12.92 -13.91 -13.90
CA PHE A 480 13.87 -12.80 -13.96
C PHE A 480 14.28 -12.34 -12.56
N ARG A 481 13.31 -12.34 -11.64
CA ARG A 481 13.60 -11.94 -10.28
C ARG A 481 14.55 -12.93 -9.61
N LEU A 482 14.20 -14.20 -9.67
CA LEU A 482 14.98 -15.24 -9.01
C LEU A 482 16.39 -15.32 -9.56
N MET A 483 16.53 -14.99 -10.84
CA MET A 483 17.82 -15.04 -11.51
C MET A 483 18.74 -13.90 -11.08
N HIS A 484 18.17 -12.84 -10.50
CA HIS A 484 19.00 -11.74 -10.02
C HIS A 484 18.92 -11.57 -8.49
N SER A 485 18.52 -12.63 -7.78
CA SER A 485 18.52 -12.64 -6.32
C SER A 485 19.94 -12.55 -5.73
N THR A 486 20.06 -11.95 -4.56
CA THR A 486 21.38 -11.83 -3.90
C THR A 486 21.81 -13.20 -3.35
N ASP A 487 20.84 -14.03 -3.02
CA ASP A 487 21.11 -15.41 -2.65
C ASP A 487 21.36 -16.23 -3.90
N HIS A 488 22.59 -16.70 -4.07
CA HIS A 488 22.99 -17.35 -5.31
C HIS A 488 22.38 -18.74 -5.45
N ALA A 489 21.87 -19.30 -4.35
CA ALA A 489 21.19 -20.58 -4.43
C ALA A 489 19.90 -20.44 -5.24
N GLU A 490 19.24 -19.29 -5.09
CA GLU A 490 18.00 -19.03 -5.81
C GLU A 490 18.25 -18.98 -7.31
N ARG A 491 19.32 -18.31 -7.72
CA ARG A 491 19.69 -18.25 -9.13
C ARG A 491 19.86 -19.64 -9.75
N LEU A 492 20.56 -20.52 -9.04
CA LEU A 492 20.85 -21.88 -9.54
C LEU A 492 19.58 -22.70 -9.71
N LYS A 493 18.62 -22.51 -8.79
CA LYS A 493 17.36 -23.24 -8.85
C LYS A 493 16.61 -22.95 -10.15
N VAL A 494 16.83 -21.77 -10.71
CA VAL A 494 16.20 -21.43 -11.97
C VAL A 494 16.85 -22.21 -13.11
N GLN A 495 18.18 -22.17 -13.18
CA GLN A 495 18.91 -22.96 -14.18
C GLN A 495 18.60 -24.46 -14.05
N LYS A 496 18.44 -24.91 -12.81
CA LYS A 496 18.15 -26.33 -12.55
C LYS A 496 16.72 -26.71 -12.93
N ASN A 497 15.74 -26.05 -12.32
CA ASN A 497 14.33 -26.46 -12.45
C ASN A 497 13.59 -25.90 -13.65
N ALA A 498 14.16 -24.92 -14.33
CA ALA A 498 13.53 -24.35 -15.50
C ALA A 498 14.55 -23.86 -16.51
N PRO A 499 15.35 -24.79 -17.05
CA PRO A 499 16.50 -24.48 -17.90
C PRO A 499 16.22 -23.68 -19.18
N LYS A 500 15.12 -23.98 -19.86
CA LYS A 500 14.80 -23.26 -21.10
C LYS A 500 14.45 -21.77 -20.81
N THR A 501 13.72 -21.56 -19.72
CA THR A 501 13.37 -20.20 -19.29
C THR A 501 14.63 -19.40 -19.01
N PHE A 502 15.49 -19.99 -18.17
CA PHE A 502 16.80 -19.42 -17.84
C PHE A 502 17.56 -19.01 -19.09
N GLN A 503 17.60 -19.92 -20.06
CA GLN A 503 18.31 -19.67 -21.31
C GLN A 503 17.63 -18.58 -22.12
N PHE A 504 16.31 -18.71 -22.28
CA PHE A 504 15.50 -17.71 -22.98
C PHE A 504 15.75 -16.30 -22.45
N ILE A 505 15.76 -16.16 -21.13
CA ILE A 505 15.91 -14.83 -20.54
C ILE A 505 17.30 -14.26 -20.76
N ASN A 506 18.32 -15.09 -20.56
CA ASN A 506 19.68 -14.65 -20.83
C ASN A 506 19.85 -14.25 -22.29
N ASP A 507 19.22 -14.99 -23.18
CA ASP A 507 19.16 -14.61 -24.59
C ASP A 507 18.58 -13.21 -24.77
N GLN A 508 17.41 -12.95 -24.17
CA GLN A 508 16.79 -11.62 -24.30
C GLN A 508 17.72 -10.57 -23.71
N ILE A 509 18.34 -10.88 -22.58
CA ILE A 509 19.28 -9.94 -21.99
C ILE A 509 20.44 -9.62 -22.95
N LYS A 510 21.09 -10.66 -23.48
CA LYS A 510 22.14 -10.48 -24.47
C LYS A 510 21.63 -9.65 -25.65
N PHE A 511 20.48 -10.06 -26.19
CA PHE A 511 19.87 -9.39 -27.33
C PHE A 511 19.65 -7.89 -27.08
N ILE A 512 19.17 -7.53 -25.88
CA ILE A 512 18.97 -6.12 -25.53
C ILE A 512 20.27 -5.34 -25.41
N ILE A 513 21.24 -5.92 -24.72
CA ILE A 513 22.52 -5.24 -24.49
C ILE A 513 23.27 -4.97 -25.80
N ASN A 514 23.09 -5.86 -26.78
CA ASN A 514 23.79 -5.72 -28.07
C ASN A 514 23.04 -4.91 -29.13
N SER A 515 21.78 -4.59 -28.86
CA SER A 515 20.96 -3.85 -29.82
C SER A 515 21.55 -2.46 -30.12
C1 56Q B . 1.53 -7.92 -8.75
C2 56Q B . 2.43 -8.11 -9.97
O5 56Q B . 3.91 -6.84 -11.40
N6 56Q B . 1.72 -8.69 -7.49
C10 56Q B . 4.14 -8.74 -6.56
C11 56Q B . 4.52 -10.06 -6.23
C12 56Q B . 5.83 -10.49 -6.48
C13 56Q B . 6.73 -9.60 -7.05
C14 56Q B . 6.37 -8.30 -7.37
C15 56Q B . 5.06 -7.87 -7.12
C18 56Q B . 0.99 -9.95 -7.34
C28 56Q B . 0.09 -8.06 -9.26
N4 56Q B . 3.04 -6.99 -10.33
O3 56Q B . 2.56 -9.16 -10.62
S7 56Q B . 2.63 -8.23 -6.28
O8 56Q B . 2.24 -8.74 -4.99
O9 56Q B . 2.62 -6.79 -6.20
F16 56Q B . 7.99 -10.00 -7.29
C17 56Q B . 6.28 -11.90 -6.15
ZN ZN C . 4.04 -8.99 -12.18
#